data_3T7Y
#
_entry.id   3T7Y
#
_cell.length_a   68.365
_cell.length_b   68.365
_cell.length_c   37.335
_cell.angle_alpha   90.00
_cell.angle_beta   90.00
_cell.angle_gamma   120.00
#
_symmetry.space_group_name_H-M   'P 31'
#
loop_
_entity.id
_entity.type
_entity.pdbx_description
1 polymer 'Yop proteins translocation protein U'
2 non-polymer 'CHLORIDE ION'
3 non-polymer 'SODIUM ION'
4 non-polymer 'FORMIC ACID'
5 non-polymer 'SUCCINIC ACID'
6 water water
#
_entity_poly.entity_id   1
_entity_poly.type   'polypeptide(L)'
_entity_poly.pdbx_seq_one_letter_code
;DTSSQIKHASAVVSAPKDIAVAIGYMPEKYKAPWIIAMGVNLRAKRIIAEAEKYGVPIMRNVPLAHQLLDEGKELKFIPE
TTYEAVGEILLYITSLN
;
_entity_poly.pdbx_strand_id   A,B
#
loop_
_chem_comp.id
_chem_comp.type
_chem_comp.name
_chem_comp.formula
CL non-polymer 'CHLORIDE ION' 'Cl -1'
FMT non-polymer 'FORMIC ACID' 'C H2 O2'
NA non-polymer 'SODIUM ION' 'Na 1'
SIN non-polymer 'SUCCINIC ACID' 'C4 H6 O4'
#
# COMPACT_ATOMS: atom_id res chain seq x y z
N THR A 2 14.71 -14.19 8.37
CA THR A 2 14.85 -13.08 7.44
C THR A 2 13.82 -13.16 6.30
N SER A 3 14.30 -13.06 5.06
CA SER A 3 13.42 -12.99 3.90
C SER A 3 12.63 -14.29 3.64
N SER A 4 12.95 -15.35 4.38
CA SER A 4 12.15 -16.59 4.31
C SER A 4 10.82 -16.39 5.06
N GLN A 5 10.83 -15.46 6.02
CA GLN A 5 9.68 -15.16 6.84
C GLN A 5 8.68 -14.22 6.16
N ILE A 6 9.02 -13.73 4.99
CA ILE A 6 8.25 -12.65 4.37
C ILE A 6 6.82 -13.05 4.02
N LYS A 7 6.63 -14.29 3.62
CA LYS A 7 5.31 -14.81 3.30
C LYS A 7 4.37 -14.71 4.51
N HIS A 8 4.92 -14.62 5.72
CA HIS A 8 4.09 -14.51 6.92
C HIS A 8 3.90 -13.08 7.39
N ALA A 9 4.48 -12.13 6.65
CA ALA A 9 4.32 -10.71 6.96
C ALA A 9 2.86 -10.29 6.83
N SER A 10 2.43 -9.38 7.69
CA SER A 10 1.07 -8.84 7.64
C SER A 10 1.00 -7.71 6.62
N ALA A 11 2.10 -6.98 6.48
CA ALA A 11 2.18 -5.89 5.54
C ALA A 11 3.64 -5.58 5.24
N VAL A 12 3.89 -4.94 4.11
CA VAL A 12 5.20 -4.39 3.84
C VAL A 12 5.06 -2.88 3.70
N VAL A 13 5.90 -2.11 4.40
CA VAL A 13 5.93 -0.67 4.21
C VAL A 13 7.04 -0.33 3.24
N SER A 14 6.72 0.40 2.19
CA SER A 14 7.69 0.64 1.11
C SER A 14 7.86 2.10 0.78
N ALA A 15 9.08 2.45 0.39
CA ALA A 15 9.36 3.73 -0.24
C ALA A 15 9.95 3.35 -1.59
N PRO A 16 9.29 3.75 -2.67
CA PRO A 16 9.76 3.41 -4.02
C PRO A 16 11.05 4.15 -4.34
N LYS A 17 12.03 3.42 -4.90
CA LYS A 17 12.00 1.97 -4.89
C LYS A 17 13.22 1.65 -4.06
N ASP A 18 13.32 2.36 -2.95
CA ASP A 18 14.53 2.41 -2.14
C ASP A 18 14.43 1.54 -0.90
N ILE A 19 13.23 1.48 -0.30
CA ILE A 19 13.11 0.88 1.02
C ILE A 19 11.88 0.00 1.13
N ALA A 20 12.06 -1.16 1.76
CA ALA A 20 10.95 -2.05 2.13
C ALA A 20 11.12 -2.57 3.54
N VAL A 21 10.04 -2.54 4.31
CA VAL A 21 10.04 -3.07 5.66
C VAL A 21 8.83 -4.00 5.82
N ALA A 22 9.09 -5.29 5.97
CA ALA A 22 8.06 -6.29 6.21
C ALA A 22 7.74 -6.34 7.68
N ILE A 23 6.45 -6.29 8.01
CA ILE A 23 6.00 -6.17 9.39
C ILE A 23 5.37 -7.48 9.82
N GLY A 24 5.74 -7.95 11.00
CA GLY A 24 5.12 -9.15 11.54
C GLY A 24 4.18 -8.76 12.66
N TYR A 25 3.08 -9.49 12.81
CA TYR A 25 2.10 -9.18 13.84
C TYR A 25 1.39 -10.45 14.26
N MET A 26 1.43 -10.75 15.55
CA MET A 26 0.88 -12.01 16.05
C MET A 26 0.14 -11.70 17.33
N PRO A 27 -0.98 -10.97 17.22
CA PRO A 27 -1.72 -10.47 18.38
C PRO A 27 -2.21 -11.58 19.31
N GLU A 28 -2.25 -12.82 18.83
CA GLU A 28 -2.61 -13.94 19.68
C GLU A 28 -1.53 -14.17 20.77
N LYS A 29 -0.31 -13.72 20.52
CA LYS A 29 0.82 -14.06 21.39
C LYS A 29 1.58 -12.84 21.91
N TYR A 30 1.88 -11.88 21.03
CA TYR A 30 2.67 -10.70 21.39
C TYR A 30 1.87 -9.41 21.18
N LYS A 31 2.06 -8.45 22.09
CA LYS A 31 1.28 -7.22 22.08
C LYS A 31 1.64 -6.26 20.96
N ALA A 32 2.85 -6.39 20.44
CA ALA A 32 3.39 -5.46 19.48
C ALA A 32 3.80 -6.12 18.16
N PRO A 33 3.74 -5.36 17.06
CA PRO A 33 4.30 -5.81 15.78
C PRO A 33 5.81 -5.73 15.87
N TRP A 34 6.50 -6.43 14.98
CA TRP A 34 7.94 -6.39 14.89
C TRP A 34 8.35 -6.30 13.44
N ILE A 35 9.64 -6.13 13.20
CA ILE A 35 10.17 -6.09 11.86
C ILE A 35 10.69 -7.46 11.52
N ILE A 36 10.13 -8.05 10.46
CA ILE A 36 10.56 -9.35 9.98
C ILE A 36 11.86 -9.22 9.19
N ALA A 37 11.86 -8.28 8.24
CA ALA A 37 13.01 -8.07 7.38
C ALA A 37 12.90 -6.67 6.81
N MET A 38 14.04 -6.04 6.54
CA MET A 38 14.03 -4.71 5.97
C MET A 38 15.30 -4.48 5.18
N GLY A 39 15.24 -3.62 4.19
CA GLY A 39 16.44 -3.26 3.47
C GLY A 39 16.23 -2.12 2.51
N VAL A 40 17.27 -1.84 1.75
CA VAL A 40 17.22 -0.79 0.75
C VAL A 40 17.74 -1.37 -0.57
N ASN A 41 17.50 -0.64 -1.65
CA ASN A 41 17.96 -1.03 -2.97
C ASN A 41 17.66 -2.49 -3.29
N LEU A 42 18.70 -3.24 -3.57
N LEU A 42 18.72 -3.21 -3.63
CA LEU A 42 18.56 -4.63 -4.01
CA LEU A 42 18.67 -4.63 -3.95
C LEU A 42 17.82 -5.51 -3.00
C LEU A 42 17.78 -5.42 -3.00
N ARG A 43 18.11 -5.35 -1.71
CA ARG A 43 17.38 -6.10 -0.69
C ARG A 43 15.90 -5.70 -0.62
N ALA A 44 15.61 -4.41 -0.79
CA ALA A 44 14.23 -3.93 -0.82
C ALA A 44 13.46 -4.61 -1.95
N LYS A 45 14.10 -4.71 -3.11
CA LYS A 45 13.51 -5.30 -4.30
C LYS A 45 13.16 -6.77 -4.05
N ARG A 46 14.05 -7.48 -3.35
CA ARG A 46 13.80 -8.86 -2.98
C ARG A 46 12.58 -8.98 -2.07
N ILE A 47 12.54 -8.14 -1.05
CA ILE A 47 11.43 -8.18 -0.10
C ILE A 47 10.10 -7.91 -0.83
N ILE A 48 10.12 -6.93 -1.72
N ILE A 48 10.13 -6.93 -1.72
CA ILE A 48 8.91 -6.58 -2.47
CA ILE A 48 8.96 -6.56 -2.51
C ILE A 48 8.50 -7.71 -3.40
C ILE A 48 8.52 -7.73 -3.37
N ALA A 49 9.47 -8.33 -4.07
CA ALA A 49 9.17 -9.46 -4.92
C ALA A 49 8.57 -10.63 -4.12
N GLU A 50 9.13 -10.92 -2.94
CA GLU A 50 8.56 -11.97 -2.08
C GLU A 50 7.11 -11.66 -1.67
N ALA A 51 6.86 -10.44 -1.23
CA ALA A 51 5.54 -10.02 -0.80
C ALA A 51 4.53 -10.15 -1.94
N GLU A 52 4.91 -9.71 -3.14
CA GLU A 52 4.00 -9.79 -4.28
C GLU A 52 3.62 -11.24 -4.52
N LYS A 53 4.61 -12.12 -4.47
CA LYS A 53 4.41 -13.53 -4.77
C LYS A 53 3.39 -14.14 -3.82
N TYR A 54 3.43 -13.72 -2.55
CA TYR A 54 2.60 -14.34 -1.52
C TYR A 54 1.34 -13.57 -1.18
N GLY A 55 1.08 -12.50 -1.91
CA GLY A 55 -0.12 -11.72 -1.73
C GLY A 55 -0.11 -10.85 -0.48
N VAL A 56 1.08 -10.51 0.01
CA VAL A 56 1.21 -9.63 1.17
C VAL A 56 1.01 -8.18 0.75
N PRO A 57 0.14 -7.44 1.46
CA PRO A 57 -0.13 -6.06 1.04
C PRO A 57 1.11 -5.18 1.18
N ILE A 58 1.36 -4.36 0.17
CA ILE A 58 2.47 -3.41 0.19
C ILE A 58 1.93 -1.97 0.22
N MET A 59 2.22 -1.25 1.30
CA MET A 59 1.74 0.12 1.47
C MET A 59 2.85 1.10 1.17
N ARG A 60 2.59 2.08 0.31
N ARG A 60 2.55 2.07 0.33
CA ARG A 60 3.57 3.13 0.05
CA ARG A 60 3.41 3.21 0.10
C ARG A 60 3.48 4.25 1.08
C ARG A 60 3.33 4.15 1.28
N ASN A 61 4.44 4.28 2.01
CA ASN A 61 4.55 5.32 3.05
C ASN A 61 6.03 5.73 3.23
N VAL A 62 6.44 6.78 2.53
CA VAL A 62 7.84 7.19 2.51
C VAL A 62 8.40 7.57 3.90
N PRO A 63 7.72 8.47 4.63
CA PRO A 63 8.20 8.83 5.97
C PRO A 63 8.28 7.65 6.94
N LEU A 64 7.28 6.76 6.91
CA LEU A 64 7.27 5.62 7.82
C LEU A 64 8.37 4.62 7.48
N ALA A 65 8.58 4.40 6.18
CA ALA A 65 9.61 3.48 5.73
C ALA A 65 11.00 3.97 6.14
N HIS A 66 11.27 5.25 5.93
CA HIS A 66 12.54 5.83 6.37
C HIS A 66 12.68 5.72 7.87
N GLN A 67 11.59 5.92 8.58
CA GLN A 67 11.63 5.91 10.04
C GLN A 67 11.87 4.50 10.60
N LEU A 68 11.15 3.52 10.06
CA LEU A 68 11.39 2.13 10.42
C LEU A 68 12.84 1.76 10.12
N LEU A 69 13.35 2.19 8.97
CA LEU A 69 14.71 1.88 8.57
C LEU A 69 15.75 2.54 9.47
N ASP A 70 15.46 3.77 9.89
N ASP A 70 15.47 3.78 9.89
CA ASP A 70 16.42 4.56 10.68
CA ASP A 70 16.46 4.53 10.67
C ASP A 70 16.50 4.07 12.12
C ASP A 70 16.49 4.11 12.15
N GLU A 71 15.36 3.66 12.68
CA GLU A 71 15.26 3.40 14.12
C GLU A 71 15.00 1.95 14.54
N GLY A 72 14.48 1.13 13.65
CA GLY A 72 14.11 -0.23 14.02
C GLY A 72 15.22 -1.24 13.78
N LYS A 73 14.96 -2.50 14.12
N LYS A 73 14.96 -2.50 14.12
CA LYS A 73 15.90 -3.58 13.83
CA LYS A 73 15.88 -3.58 13.84
C LYS A 73 15.09 -4.82 13.51
C LYS A 73 15.06 -4.81 13.49
N GLU A 74 15.64 -5.69 12.68
CA GLU A 74 14.97 -6.95 12.37
C GLU A 74 14.82 -7.78 13.65
N LEU A 75 13.69 -8.48 13.76
CA LEU A 75 13.36 -9.34 14.90
C LEU A 75 13.31 -8.55 16.22
N LYS A 76 12.80 -7.33 16.14
CA LYS A 76 12.68 -6.46 17.30
C LYS A 76 11.32 -5.78 17.16
N PHE A 77 10.60 -5.61 18.25
CA PHE A 77 9.31 -4.94 18.19
C PHE A 77 9.56 -3.53 17.63
N ILE A 78 8.59 -2.97 16.90
CA ILE A 78 8.81 -1.72 16.18
C ILE A 78 9.08 -0.56 17.15
N PRO A 79 9.85 0.44 16.69
CA PRO A 79 10.14 1.64 17.48
C PRO A 79 8.87 2.37 17.91
N GLU A 80 8.92 2.96 19.10
CA GLU A 80 7.77 3.66 19.65
C GLU A 80 7.30 4.73 18.69
N THR A 81 8.25 5.39 18.04
N THR A 81 8.26 5.38 18.05
CA THR A 81 7.94 6.50 17.15
CA THR A 81 7.98 6.48 17.15
C THR A 81 7.16 6.04 15.92
C THR A 81 7.19 6.04 15.92
N THR A 82 7.15 4.73 15.67
CA THR A 82 6.42 4.21 14.51
C THR A 82 5.14 3.51 14.90
N TYR A 83 4.93 3.33 16.21
CA TYR A 83 3.87 2.44 16.67
C TYR A 83 2.48 2.83 16.14
N GLU A 84 2.10 4.10 16.26
CA GLU A 84 0.76 4.49 15.84
C GLU A 84 0.50 4.40 14.31
N ALA A 85 1.49 4.78 13.51
CA ALA A 85 1.36 4.71 12.05
C ALA A 85 1.26 3.25 11.59
N VAL A 86 2.08 2.38 12.16
CA VAL A 86 2.00 0.96 11.82
C VAL A 86 0.65 0.40 12.24
N GLY A 87 0.18 0.79 13.42
CA GLY A 87 -1.11 0.33 13.92
C GLY A 87 -2.27 0.72 13.00
N GLU A 88 -2.21 1.91 12.42
CA GLU A 88 -3.22 2.33 11.44
C GLU A 88 -3.28 1.32 10.29
N ILE A 89 -2.12 0.99 9.75
CA ILE A 89 -2.01 0.00 8.68
C ILE A 89 -2.57 -1.35 9.12
N LEU A 90 -2.11 -1.83 10.27
CA LEU A 90 -2.60 -3.09 10.81
C LEU A 90 -4.09 -3.10 11.15
N LEU A 91 -4.64 -1.93 11.50
CA LEU A 91 -6.03 -1.87 11.91
C LEU A 91 -6.99 -2.34 10.80
N TYR A 92 -6.81 -1.83 9.59
CA TYR A 92 -7.67 -2.27 8.50
C TYR A 92 -7.19 -3.56 7.83
N ILE A 93 -5.91 -3.61 7.48
CA ILE A 93 -5.33 -4.83 6.91
C ILE A 93 -5.84 -6.05 7.70
N THR A 94 -5.90 -5.92 9.03
CA THR A 94 -6.28 -7.04 9.88
C THR A 94 -7.77 -7.03 10.23
N SER A 95 -8.61 -6.81 9.23
CA SER A 95 -10.06 -6.87 9.40
C SER A 95 -10.75 -7.28 8.11
N THR B 2 -12.20 15.45 -10.68
CA THR B 2 -10.84 14.95 -10.90
C THR B 2 -10.03 14.94 -9.61
N SER B 3 -8.83 15.53 -9.66
CA SER B 3 -7.91 15.50 -8.52
C SER B 3 -8.39 16.27 -7.28
N SER B 4 -9.48 17.03 -7.41
CA SER B 4 -10.12 17.66 -6.26
C SER B 4 -10.85 16.60 -5.40
N GLN B 5 -11.25 15.52 -6.07
CA GLN B 5 -12.00 14.45 -5.45
C GLN B 5 -11.10 13.45 -4.68
N ILE B 6 -9.79 13.63 -4.78
CA ILE B 6 -8.83 12.63 -4.30
C ILE B 6 -8.91 12.42 -2.78
N LYS B 7 -9.16 13.48 -2.03
CA LYS B 7 -9.32 13.37 -0.59
C LYS B 7 -10.44 12.42 -0.19
N HIS B 8 -11.38 12.19 -1.09
CA HIS B 8 -12.49 11.28 -0.80
C HIS B 8 -12.24 9.86 -1.31
N ALA B 9 -11.08 9.63 -1.92
CA ALA B 9 -10.72 8.30 -2.38
C ALA B 9 -10.62 7.33 -1.22
N SER B 10 -11.00 6.07 -1.46
CA SER B 10 -10.87 5.02 -0.45
C SER B 10 -9.46 4.45 -0.45
N ALA B 11 -8.85 4.46 -1.62
CA ALA B 11 -7.50 3.93 -1.79
C ALA B 11 -6.92 4.47 -3.09
N VAL B 12 -5.60 4.47 -3.17
CA VAL B 12 -4.93 4.73 -4.43
C VAL B 12 -4.11 3.48 -4.80
N VAL B 13 -4.24 3.03 -6.04
CA VAL B 13 -3.40 1.95 -6.54
C VAL B 13 -2.25 2.54 -7.31
N SER B 14 -1.03 2.17 -6.94
CA SER B 14 0.14 2.82 -7.53
C SER B 14 1.15 1.85 -8.11
N ALA B 15 1.80 2.28 -9.17
CA ALA B 15 2.99 1.62 -9.66
C ALA B 15 4.07 2.68 -9.61
N PRO B 16 5.12 2.43 -8.83
CA PRO B 16 6.21 3.39 -8.67
C PRO B 16 7.00 3.53 -9.96
N LYS B 17 7.28 4.77 -10.35
CA LYS B 17 6.58 5.93 -9.81
C LYS B 17 5.86 6.46 -11.02
N ASP B 18 5.24 5.52 -11.75
CA ASP B 18 4.72 5.76 -13.07
C ASP B 18 3.21 5.97 -13.08
N ILE B 19 2.51 5.26 -12.21
CA ILE B 19 1.05 5.18 -12.32
C ILE B 19 0.37 5.28 -10.97
N ALA B 20 -0.71 6.06 -10.92
CA ALA B 20 -1.57 6.14 -9.75
C ALA B 20 -3.04 6.16 -10.16
N VAL B 21 -3.83 5.34 -9.47
CA VAL B 21 -5.25 5.28 -9.71
C VAL B 21 -5.98 5.41 -8.38
N ALA B 22 -6.70 6.51 -8.21
CA ALA B 22 -7.49 6.75 -7.02
C ALA B 22 -8.85 6.11 -7.20
N ILE B 23 -9.28 5.33 -6.20
CA ILE B 23 -10.50 4.55 -6.30
C ILE B 23 -11.57 5.15 -5.42
N GLY B 24 -12.78 5.28 -5.96
CA GLY B 24 -13.90 5.76 -5.16
C GLY B 24 -14.82 4.60 -4.84
N TYR B 25 -15.43 4.62 -3.66
CA TYR B 25 -16.31 3.53 -3.24
C TYR B 25 -17.37 4.08 -2.31
N MET B 26 -18.64 3.89 -2.67
CA MET B 26 -19.73 4.46 -1.90
C MET B 26 -20.81 3.39 -1.76
N PRO B 27 -20.51 2.34 -1.01
CA PRO B 27 -21.38 1.16 -0.94
C PRO B 27 -22.79 1.49 -0.41
N GLU B 28 -22.96 2.63 0.24
CA GLU B 28 -24.27 3.07 0.67
C GLU B 28 -25.20 3.36 -0.54
N LYS B 29 -24.61 3.66 -1.68
CA LYS B 29 -25.36 4.16 -2.83
C LYS B 29 -25.15 3.34 -4.12
N TYR B 30 -23.89 3.02 -4.42
CA TYR B 30 -23.54 2.31 -5.67
C TYR B 30 -22.87 0.97 -5.36
N LYS B 31 -23.18 -0.04 -6.16
CA LYS B 31 -22.71 -1.41 -5.92
C LYS B 31 -21.24 -1.60 -6.23
N ALA B 32 -20.68 -0.74 -7.06
CA ALA B 32 -19.34 -0.89 -7.57
C ALA B 32 -18.44 0.30 -7.27
N PRO B 33 -17.13 0.07 -7.13
CA PRO B 33 -16.15 1.15 -7.03
C PRO B 33 -15.96 1.76 -8.40
N TRP B 34 -15.42 2.98 -8.45
CA TRP B 34 -15.14 3.65 -9.70
C TRP B 34 -13.78 4.30 -9.62
N ILE B 35 -13.31 4.82 -10.74
CA ILE B 35 -12.05 5.52 -10.77
C ILE B 35 -12.34 7.00 -10.61
N ILE B 36 -11.78 7.59 -9.57
CA ILE B 36 -11.90 9.02 -9.32
C ILE B 36 -10.96 9.80 -10.24
N ALA B 37 -9.70 9.41 -10.27
CA ALA B 37 -8.70 10.08 -11.07
C ALA B 37 -7.57 9.11 -11.29
N MET B 38 -6.89 9.22 -12.43
CA MET B 38 -5.77 8.35 -12.71
C MET B 38 -4.80 9.05 -13.66
N GLY B 39 -3.53 8.66 -13.60
CA GLY B 39 -2.58 9.19 -14.56
C GLY B 39 -1.24 8.53 -14.46
N VAL B 40 -0.29 9.07 -15.23
CA VAL B 40 1.07 8.57 -15.23
C VAL B 40 2.00 9.76 -15.05
N ASN B 41 3.27 9.46 -14.74
CA ASN B 41 4.30 10.48 -14.58
C ASN B 41 3.84 11.60 -13.67
N LEU B 42 3.91 12.84 -14.16
CA LEU B 42 3.60 14.01 -13.35
C LEU B 42 2.20 13.96 -12.74
N ARG B 43 1.20 13.56 -13.52
CA ARG B 43 -0.15 13.45 -12.96
C ARG B 43 -0.22 12.40 -11.84
N ALA B 44 0.50 11.29 -12.00
CA ALA B 44 0.56 10.27 -10.96
C ALA B 44 1.12 10.86 -9.67
N LYS B 45 2.18 11.66 -9.82
CA LYS B 45 2.86 12.30 -8.71
C LYS B 45 1.92 13.23 -7.96
N ARG B 46 1.09 13.97 -8.70
CA ARG B 46 0.08 14.84 -8.13
C ARG B 46 -0.93 14.02 -7.31
N ILE B 47 -1.43 12.95 -7.90
CA ILE B 47 -2.42 12.13 -7.22
C ILE B 47 -1.84 11.56 -5.92
N ILE B 48 -0.60 11.08 -5.99
N ILE B 48 -0.60 11.08 -6.00
CA ILE B 48 0.05 10.51 -4.82
CA ILE B 48 0.11 10.52 -4.86
C ILE B 48 0.29 11.56 -3.75
C ILE B 48 0.25 11.57 -3.76
N ALA B 49 0.72 12.76 -4.15
CA ALA B 49 0.88 13.85 -3.20
C ALA B 49 -0.46 14.21 -2.52
N GLU B 50 -1.54 14.29 -3.29
CA GLU B 50 -2.86 14.55 -2.71
C GLU B 50 -3.26 13.48 -1.69
N ALA B 51 -3.10 12.21 -2.06
CA ALA B 51 -3.45 11.11 -1.18
C ALA B 51 -2.66 11.15 0.11
N GLU B 52 -1.36 11.40 0.02
CA GLU B 52 -0.52 11.46 1.21
C GLU B 52 -1.02 12.54 2.16
N LYS B 53 -1.37 13.69 1.58
CA LYS B 53 -1.78 14.86 2.37
C LYS B 53 -3.04 14.53 3.17
N TYR B 54 -3.93 13.73 2.57
CA TYR B 54 -5.23 13.49 3.18
C TYR B 54 -5.35 12.14 3.89
N GLY B 55 -4.22 11.42 3.96
CA GLY B 55 -4.19 10.16 4.68
C GLY B 55 -4.87 9.02 3.95
N VAL B 56 -4.98 9.12 2.62
CA VAL B 56 -5.58 8.05 1.82
C VAL B 56 -4.55 6.94 1.61
N PRO B 57 -4.94 5.69 1.88
CA PRO B 57 -3.96 4.59 1.76
C PRO B 57 -3.52 4.40 0.30
N ILE B 58 -2.22 4.22 0.12
CA ILE B 58 -1.64 3.98 -1.20
C ILE B 58 -1.07 2.55 -1.25
N MET B 59 -1.64 1.72 -2.12
CA MET B 59 -1.20 0.32 -2.26
C MET B 59 -0.33 0.16 -3.47
N ARG B 60 0.84 -0.44 -3.31
N ARG B 60 0.82 -0.46 -3.27
CA ARG B 60 1.69 -0.73 -4.46
CA ARG B 60 1.69 -0.89 -4.36
C ARG B 60 1.31 -2.05 -5.13
C ARG B 60 1.07 -2.12 -5.03
N ASN B 61 0.63 -1.96 -6.28
CA ASN B 61 0.23 -3.11 -7.09
C ASN B 61 0.45 -2.83 -8.59
N VAL B 62 1.61 -3.24 -9.12
CA VAL B 62 2.01 -2.90 -10.48
C VAL B 62 1.06 -3.44 -11.56
N PRO B 63 0.75 -4.75 -11.54
CA PRO B 63 -0.20 -5.31 -12.52
C PRO B 63 -1.59 -4.64 -12.47
N LEU B 64 -2.12 -4.40 -11.28
CA LEU B 64 -3.44 -3.81 -11.15
C LEU B 64 -3.46 -2.36 -11.64
N ALA B 65 -2.41 -1.61 -11.30
CA ALA B 65 -2.30 -0.23 -11.74
C ALA B 65 -2.24 -0.12 -13.26
N HIS B 66 -1.41 -0.97 -13.89
CA HIS B 66 -1.36 -0.99 -15.35
C HIS B 66 -2.71 -1.37 -15.92
N GLN B 67 -3.40 -2.31 -15.27
CA GLN B 67 -4.66 -2.80 -15.77
C GLN B 67 -5.78 -1.76 -15.67
N LEU B 68 -5.88 -1.10 -14.52
CA LEU B 68 -6.81 0.00 -14.34
C LEU B 68 -6.52 1.09 -15.38
N LEU B 69 -5.24 1.37 -15.59
CA LEU B 69 -4.86 2.40 -16.54
C LEU B 69 -5.20 2.03 -17.98
N ASP B 70 -5.03 0.76 -18.31
N ASP B 70 -5.01 0.77 -18.32
CA ASP B 70 -5.22 0.29 -19.68
CA ASP B 70 -5.21 0.33 -19.70
C ASP B 70 -6.70 0.21 -20.05
C ASP B 70 -6.69 0.17 -20.06
N GLU B 71 -7.53 -0.21 -19.09
CA GLU B 71 -8.92 -0.54 -19.37
C GLU B 71 -10.01 0.36 -18.77
N GLY B 72 -9.68 1.09 -17.71
CA GLY B 72 -10.68 1.88 -17.00
C GLY B 72 -10.77 3.30 -17.54
N LYS B 73 -11.70 4.09 -17.00
CA LYS B 73 -11.81 5.50 -17.34
C LYS B 73 -12.22 6.22 -16.08
N GLU B 74 -11.88 7.50 -16.00
CA GLU B 74 -12.28 8.30 -14.84
C GLU B 74 -13.81 8.44 -14.81
N LEU B 75 -14.37 8.43 -13.60
CA LEU B 75 -15.82 8.55 -13.38
C LEU B 75 -16.61 7.42 -14.04
N LYS B 76 -16.05 6.22 -14.02
CA LYS B 76 -16.67 5.05 -14.60
C LYS B 76 -16.41 3.92 -13.62
N PHE B 77 -17.37 3.03 -13.43
CA PHE B 77 -17.18 1.92 -12.52
C PHE B 77 -15.99 1.10 -13.04
N ILE B 78 -15.23 0.46 -12.16
CA ILE B 78 -13.98 -0.17 -12.57
C ILE B 78 -14.25 -1.33 -13.54
N PRO B 79 -13.28 -1.63 -14.43
CA PRO B 79 -13.37 -2.75 -15.37
C PRO B 79 -13.58 -4.07 -14.67
N GLU B 80 -14.32 -4.96 -15.31
CA GLU B 80 -14.64 -6.26 -14.73
C GLU B 80 -13.36 -7.00 -14.39
N THR B 81 -12.36 -6.85 -15.25
N THR B 81 -12.36 -6.85 -15.26
CA THR B 81 -11.09 -7.58 -15.09
CA THR B 81 -11.10 -7.54 -15.12
C THR B 81 -10.34 -7.13 -13.85
C THR B 81 -10.33 -7.11 -13.87
N THR B 82 -10.73 -5.98 -13.29
CA THR B 82 -10.07 -5.48 -12.09
C THR B 82 -10.92 -5.65 -10.83
N TYR B 83 -12.16 -6.08 -11.02
CA TYR B 83 -13.12 -6.03 -9.91
C TYR B 83 -12.66 -6.80 -8.66
N GLU B 84 -12.20 -8.04 -8.83
CA GLU B 84 -11.83 -8.84 -7.66
C GLU B 84 -10.58 -8.32 -6.91
N ALA B 85 -9.57 -7.88 -7.65
CA ALA B 85 -8.36 -7.37 -7.03
C ALA B 85 -8.64 -6.07 -6.26
N VAL B 86 -9.44 -5.20 -6.85
CA VAL B 86 -9.82 -3.96 -6.17
C VAL B 86 -10.63 -4.28 -4.92
N GLY B 87 -11.53 -5.25 -5.03
CA GLY B 87 -12.36 -5.67 -3.90
C GLY B 87 -11.54 -6.17 -2.73
N GLU B 88 -10.47 -6.92 -3.02
CA GLU B 88 -9.55 -7.37 -1.97
C GLU B 88 -9.02 -6.17 -1.18
N ILE B 89 -8.51 -5.17 -1.90
CA ILE B 89 -8.05 -3.93 -1.28
C ILE B 89 -9.15 -3.28 -0.46
N LEU B 90 -10.32 -3.08 -1.07
CA LEU B 90 -11.45 -2.49 -0.36
C LEU B 90 -11.93 -3.30 0.84
N LEU B 91 -11.77 -4.61 0.78
CA LEU B 91 -12.28 -5.47 1.86
C LEU B 91 -11.67 -5.14 3.21
N TYR B 92 -10.35 -5.00 3.26
CA TYR B 92 -9.73 -4.68 4.54
C TYR B 92 -9.68 -3.17 4.79
N ILE B 93 -9.22 -2.40 3.80
CA ILE B 93 -9.22 -0.95 3.93
C ILE B 93 -10.54 -0.48 4.56
N THR B 94 -11.65 -1.08 4.13
CA THR B 94 -12.98 -0.68 4.59
C THR B 94 -13.47 -1.52 5.77
N SER B 95 -12.61 -1.71 6.76
CA SER B 95 -12.98 -2.41 7.99
C SER B 95 -12.13 -1.94 9.17
CL CL C . 18.57 -4.94 11.41
NA NA D . 3.40 -4.91 -7.16
C FMT E . 4.44 8.25 9.62
O1 FMT E . 3.38 8.08 9.06
O2 FMT E . 5.52 8.16 9.08
C FMT F . 0.05 -16.42 25.42
O1 FMT F . 1.21 -16.76 25.62
O2 FMT F . -0.57 -16.69 24.38
C FMT G . 13.00 -0.38 18.43
O1 FMT G . 13.35 0.41 19.29
O2 FMT G . 13.77 -0.92 17.64
C FMT H . 10.85 11.44 4.98
O1 FMT H . 10.60 11.27 3.78
O2 FMT H . 11.86 11.02 5.54
C1 SIN I . -1.28 -17.49 15.91
O1 SIN I . -0.22 -17.82 15.36
O2 SIN I . -2.17 -16.94 15.22
C2 SIN I . -1.50 -17.73 17.37
C3 SIN I . -0.42 -18.66 17.93
C4 SIN I . -0.34 -18.42 19.41
O3 SIN I . -1.00 -17.48 19.92
O4 SIN I . 0.33 -19.10 20.17
CL CL J . 20.04 -3.65 2.89
NA NA K . 4.23 8.32 0.96
NA NA L . -22.65 7.94 1.87
C FMT M . -25.95 7.90 0.07
O1 FMT M . -25.53 7.80 1.21
O2 FMT M . -27.10 8.23 -0.16
C FMT N . -4.01 -7.60 -10.12
O1 FMT N . -4.12 -7.90 -11.28
O2 FMT N . -4.03 -8.40 -9.22
C FMT O . 2.31 -5.93 -15.24
O1 FMT O . 1.67 -5.45 -16.17
O2 FMT O . 3.28 -5.39 -14.72
C FMT P . -15.32 18.12 3.21
O1 FMT P . -15.65 17.13 3.86
O2 FMT P . -14.45 18.13 2.33
C FMT Q . -31.42 7.28 -6.91
O1 FMT Q . -31.59 6.09 -6.65
O2 FMT Q . -32.30 8.12 -6.87
CL CL R . -1.77 11.42 -17.29
#